data_3ZX7
#
_entry.id   3ZX7
#
_cell.length_a   98.110
_cell.length_b   98.110
_cell.length_c   184.170
_cell.angle_alpha   90.00
_cell.angle_beta   90.00
_cell.angle_gamma   120.00
#
_symmetry.space_group_name_H-M   'P 65 2 2'
#
loop_
_entity.id
_entity.type
_entity.pdbx_description
1 polymer LYSENIN
2 non-polymer 'PHOSPHATE ION'
3 non-polymer PHOSPHOCHOLINE
4 non-polymer 'SODIUM ION'
5 water water
#
_entity_poly.entity_id   1
_entity_poly.type   'polypeptide(L)'
_entity_poly.pdbx_seq_one_letter_code
;SAKAAEGYEQIEVDVVAVWKEGYVYENRGSTSVDQKITITKG(MSE)KNVNSETRTVTATHSIGSTISTGDAFEIGSVEV
SYSHSHEESQVS(MSE)TETEVYESKVIEHTITIPPTSKFTRWQLNADVGGADIEY(MSE)YLIDEVTPIGGTQSIPQVI
TSRAKIIVGRQIILGKTEIRIKHAERKEY(MSE)TVVSRKSWPAATLGHSKLFKFVLYEDWGGFRIKTLNT(MSE)YSGY
EYAYSSDQGGIYFDQGTDNPKQRWAINKSLPLRHGDVVTF(MSE)NKYFTRSGLCYDDGPATNVYCLDKREDKWILEVVG
LVPRGSGHHHHHH
;
_entity_poly.pdbx_strand_id   A
#
# COMPACT_ATOMS: atom_id res chain seq x y z
N ALA A 5 6.71 -1.37 14.36
CA ALA A 5 7.79 -1.73 13.44
C ALA A 5 8.79 -0.59 13.23
N GLU A 6 10.09 -0.95 13.12
CA GLU A 6 11.21 0.00 12.96
C GLU A 6 11.08 0.76 11.62
N GLY A 7 10.39 1.90 11.67
CA GLY A 7 10.19 2.78 10.52
C GLY A 7 8.79 2.91 10.00
N TYR A 8 7.77 2.49 10.76
CA TYR A 8 6.36 2.61 10.35
C TYR A 8 5.60 3.35 11.42
N GLU A 9 4.39 3.80 11.08
CA GLU A 9 3.57 4.56 12.00
C GLU A 9 2.09 4.32 11.80
N GLN A 10 1.30 4.41 12.90
CA GLN A 10 -0.16 4.26 12.83
C GLN A 10 -0.82 5.64 12.67
N ILE A 11 -1.90 5.69 11.87
CA ILE A 11 -2.66 6.91 11.53
C ILE A 11 -4.16 6.58 11.48
N GLU A 12 -5.02 7.44 12.07
CA GLU A 12 -6.48 7.25 12.02
C GLU A 12 -7.03 7.91 10.75
N VAL A 13 -8.08 7.32 10.13
CA VAL A 13 -8.64 7.85 8.90
C VAL A 13 -10.08 7.35 8.61
N ASP A 14 -10.92 8.20 7.99
CA ASP A 14 -12.30 7.84 7.64
C ASP A 14 -12.31 6.93 6.41
N VAL A 15 -13.15 5.88 6.47
CA VAL A 15 -13.31 4.88 5.40
C VAL A 15 -14.81 4.75 5.08
N VAL A 16 -15.15 4.26 3.88
CA VAL A 16 -16.56 4.06 3.46
C VAL A 16 -17.03 2.60 3.71
N ALA A 17 -18.23 2.45 4.30
CA ALA A 17 -18.87 1.16 4.62
C ALA A 17 -20.36 1.24 4.29
N VAL A 18 -20.98 0.11 3.90
CA VAL A 18 -22.40 0.09 3.52
C VAL A 18 -23.05 -1.29 3.76
N TRP A 19 -24.38 -1.28 4.04
CA TRP A 19 -25.21 -2.47 4.25
C TRP A 19 -25.87 -2.87 2.93
N LYS A 20 -25.54 -4.06 2.41
CA LYS A 20 -26.05 -4.60 1.14
C LYS A 20 -27.20 -5.60 1.42
N GLU A 21 -27.98 -5.92 0.36
CA GLU A 21 -29.08 -6.91 0.39
C GLU A 21 -28.64 -8.24 1.03
N GLY A 22 -27.53 -8.81 0.53
CA GLY A 22 -26.97 -10.07 1.00
C GLY A 22 -27.69 -11.29 0.47
N TYR A 23 -28.72 -11.74 1.20
CA TYR A 23 -29.57 -12.88 0.84
C TYR A 23 -31.01 -12.59 1.27
N VAL A 24 -32.01 -13.02 0.46
CA VAL A 24 -33.43 -12.78 0.77
C VAL A 24 -34.27 -14.02 0.40
N TYR A 25 -35.02 -14.57 1.37
CA TYR A 25 -35.89 -15.72 1.15
C TYR A 25 -37.34 -15.37 1.57
N GLU A 26 -38.32 -15.66 0.71
CA GLU A 26 -39.74 -15.40 0.99
C GLU A 26 -40.53 -16.72 1.07
N ASN A 27 -41.12 -17.02 2.24
CA ASN A 27 -41.96 -18.20 2.45
C ASN A 27 -43.41 -17.71 2.59
N ARG A 28 -44.13 -17.65 1.46
CA ARG A 28 -45.52 -17.18 1.40
C ARG A 28 -46.57 -18.23 1.84
N GLY A 29 -46.20 -19.51 1.80
CA GLY A 29 -47.07 -20.62 2.20
C GLY A 29 -46.62 -21.31 3.48
N SER A 30 -47.25 -22.46 3.77
CA SER A 30 -46.96 -23.30 4.94
C SER A 30 -46.33 -24.65 4.50
N THR A 31 -45.55 -25.36 5.35
CA THR A 31 -45.23 -25.04 6.76
C THR A 31 -43.84 -24.37 6.84
N SER A 32 -43.10 -24.58 7.95
CA SER A 32 -41.76 -24.00 8.12
C SER A 32 -40.78 -24.68 7.17
N VAL A 33 -40.03 -23.87 6.37
CA VAL A 33 -39.06 -24.35 5.38
C VAL A 33 -37.63 -24.05 5.85
N ASP A 34 -36.74 -25.05 5.77
CA ASP A 34 -35.32 -24.91 6.14
C ASP A 34 -34.49 -24.65 4.88
N GLN A 35 -33.44 -23.81 5.02
CA GLN A 35 -32.56 -23.41 3.93
C GLN A 35 -31.12 -23.32 4.42
N LYS A 36 -30.17 -23.95 3.71
CA LYS A 36 -28.74 -23.86 4.03
C LYS A 36 -28.23 -22.52 3.48
N ILE A 37 -27.33 -21.82 4.21
CA ILE A 37 -26.76 -20.53 3.80
C ILE A 37 -25.28 -20.46 4.14
N THR A 38 -24.44 -20.07 3.17
CA THR A 38 -22.99 -19.94 3.34
C THR A 38 -22.52 -18.54 2.91
N ILE A 39 -21.68 -17.89 3.74
CA ILE A 39 -21.12 -16.55 3.49
C ILE A 39 -19.64 -16.54 3.85
N THR A 40 -18.83 -15.73 3.14
CA THR A 40 -17.39 -15.64 3.39
C THR A 40 -16.99 -14.26 3.93
N LYS A 41 -16.76 -14.18 5.25
CA LYS A 41 -16.33 -12.95 5.94
C LYS A 41 -14.82 -12.83 5.70
N GLY A 42 -14.42 -11.88 4.86
CA GLY A 42 -13.00 -11.67 4.55
C GLY A 42 -12.74 -10.64 3.47
N LYS A 44 -11.58 -9.22 0.00
CA LYS A 44 -11.63 -9.76 -1.36
C LYS A 44 -10.23 -9.78 -1.96
N ASN A 45 -9.88 -10.92 -2.61
CA ASN A 45 -8.58 -11.19 -3.28
C ASN A 45 -7.32 -10.84 -2.44
N VAL A 46 -7.35 -11.20 -1.15
CA VAL A 46 -6.26 -10.97 -0.19
C VAL A 46 -4.99 -11.77 -0.52
N ASN A 47 -3.82 -11.09 -0.58
CA ASN A 47 -2.55 -11.74 -0.86
C ASN A 47 -2.06 -12.47 0.40
N SER A 48 -1.76 -13.78 0.28
CA SER A 48 -1.30 -14.62 1.39
C SER A 48 0.15 -14.32 1.76
N GLU A 49 0.98 -13.98 0.75
CA GLU A 49 2.39 -13.69 0.94
C GLU A 49 2.67 -12.33 1.66
N THR A 50 1.68 -11.40 1.71
CA THR A 50 1.88 -10.11 2.38
C THR A 50 0.61 -9.45 2.86
N ARG A 51 0.76 -8.51 3.81
CA ARG A 51 -0.34 -7.70 4.33
C ARG A 51 -0.30 -6.29 3.76
N THR A 52 0.81 -5.87 3.13
CA THR A 52 0.86 -4.55 2.50
C THR A 52 -0.13 -4.53 1.34
N VAL A 53 -0.96 -3.49 1.29
CA VAL A 53 -1.95 -3.33 0.23
C VAL A 53 -1.63 -2.04 -0.52
N THR A 54 -1.64 -2.13 -1.87
CA THR A 54 -1.38 -1.01 -2.76
C THR A 54 -2.71 -0.33 -3.05
N ALA A 55 -2.92 0.87 -2.51
CA ALA A 55 -4.16 1.63 -2.68
C ALA A 55 -4.66 1.70 -4.14
N THR A 56 -5.92 1.29 -4.38
CA THR A 56 -6.56 1.36 -5.69
C THR A 56 -7.17 2.77 -5.85
N HIS A 57 -7.58 3.39 -4.72
CA HIS A 57 -8.08 4.78 -4.68
C HIS A 57 -7.64 5.45 -3.38
N SER A 58 -7.89 6.75 -3.27
CA SER A 58 -7.45 7.56 -2.12
C SER A 58 -8.21 7.33 -0.83
N ILE A 59 -7.59 7.75 0.28
CA ILE A 59 -8.16 7.74 1.63
C ILE A 59 -7.81 9.12 2.20
N GLY A 60 -8.50 10.13 1.70
CA GLY A 60 -8.27 11.51 2.10
C GLY A 60 -6.93 12.06 1.65
N SER A 61 -6.40 13.01 2.41
CA SER A 61 -5.10 13.62 2.14
C SER A 61 -3.92 12.67 2.47
N THR A 62 -4.15 11.67 3.33
CA THR A 62 -3.13 10.74 3.82
C THR A 62 -2.71 9.63 2.84
N ILE A 63 -3.66 9.05 2.07
CA ILE A 63 -3.36 7.98 1.09
C ILE A 63 -3.88 8.34 -0.32
N SER A 64 -3.06 8.02 -1.34
CA SER A 64 -3.36 8.21 -2.77
C SER A 64 -3.13 6.90 -3.52
N THR A 65 -3.78 6.73 -4.67
CA THR A 65 -3.66 5.54 -5.51
C THR A 65 -2.19 5.14 -5.71
N GLY A 66 -1.87 3.88 -5.43
CA GLY A 66 -0.52 3.35 -5.56
C GLY A 66 0.30 3.38 -4.28
N ASP A 67 -0.22 3.99 -3.19
CA ASP A 67 0.49 4.09 -1.92
C ASP A 67 0.39 2.81 -1.16
N ALA A 68 1.50 2.46 -0.49
CA ALA A 68 1.58 1.26 0.32
C ALA A 68 1.08 1.55 1.73
N PHE A 69 0.20 0.69 2.24
CA PHE A 69 -0.29 0.77 3.60
C PHE A 69 -0.73 -0.62 4.06
N GLU A 70 -0.92 -0.75 5.35
CA GLU A 70 -1.36 -1.99 5.99
C GLU A 70 -2.50 -1.62 6.96
N ILE A 71 -3.62 -2.36 6.90
CA ILE A 71 -4.79 -2.09 7.74
C ILE A 71 -4.60 -2.65 9.17
N GLY A 72 -4.37 -1.76 10.14
CA GLY A 72 -4.23 -2.12 11.55
C GLY A 72 -5.54 -2.52 12.20
N SER A 73 -6.59 -1.69 12.05
CA SER A 73 -7.92 -1.95 12.62
C SER A 73 -8.98 -1.09 11.98
N VAL A 74 -10.23 -1.60 11.89
CA VAL A 74 -11.36 -0.85 11.33
C VAL A 74 -12.55 -0.86 12.33
N GLU A 75 -13.14 0.32 12.57
CA GLU A 75 -14.21 0.50 13.56
C GLU A 75 -15.43 1.18 12.92
N VAL A 76 -16.46 0.37 12.57
CA VAL A 76 -17.70 0.87 11.98
C VAL A 76 -18.85 0.85 13.01
N SER A 77 -19.56 1.98 13.17
CA SER A 77 -20.68 2.15 14.10
C SER A 77 -22.01 2.21 13.31
N TYR A 78 -22.99 1.33 13.63
CA TYR A 78 -24.28 1.25 12.91
C TYR A 78 -25.52 1.46 13.83
N SER A 79 -26.70 1.75 13.25
CA SER A 79 -27.94 1.98 13.99
C SER A 79 -29.07 1.01 13.57
N HIS A 80 -29.37 0.00 14.43
CA HIS A 80 -30.40 -1.03 14.16
C HIS A 80 -30.67 -1.85 15.46
N SER A 81 -31.92 -2.12 15.88
CA SER A 81 -33.21 -1.67 15.34
C SER A 81 -33.66 -0.53 16.26
N HIS A 82 -33.53 0.74 15.80
CA HIS A 82 -33.78 1.95 16.59
C HIS A 82 -32.76 2.09 17.76
N GLU A 83 -31.59 1.40 17.69
CA GLU A 83 -30.56 1.42 18.74
C GLU A 83 -29.16 1.38 18.12
N GLU A 84 -28.20 2.11 18.72
CA GLU A 84 -26.83 2.18 18.20
C GLU A 84 -25.97 1.05 18.76
N SER A 85 -24.97 0.62 17.98
CA SER A 85 -24.02 -0.42 18.35
C SER A 85 -22.78 -0.32 17.47
N GLN A 86 -21.62 -0.70 18.02
CA GLN A 86 -20.36 -0.61 17.28
C GLN A 86 -19.58 -1.93 17.27
N VAL A 87 -18.89 -2.20 16.14
CA VAL A 87 -18.13 -3.43 15.90
C VAL A 87 -16.71 -3.06 15.45
N SER A 88 -15.69 -3.62 16.13
CA SER A 88 -14.29 -3.36 15.84
C SER A 88 -13.63 -4.59 15.20
N THR A 90 -9.74 -6.50 14.29
CA THR A 90 -8.30 -6.66 14.55
C THR A 90 -7.58 -6.75 13.20
N GLU A 91 -6.25 -6.67 13.24
CA GLU A 91 -5.46 -6.82 12.02
C GLU A 91 -5.66 -8.24 11.45
N THR A 92 -5.62 -9.26 12.32
CA THR A 92 -5.85 -10.64 11.89
C THR A 92 -7.25 -10.81 11.28
N GLU A 93 -8.29 -10.15 11.85
CA GLU A 93 -9.67 -10.27 11.34
C GLU A 93 -9.87 -9.66 9.95
N VAL A 94 -9.24 -8.49 9.69
CA VAL A 94 -9.36 -7.84 8.37
C VAL A 94 -8.70 -8.68 7.26
N TYR A 95 -7.64 -9.47 7.59
CA TYR A 95 -6.89 -10.27 6.63
C TYR A 95 -7.19 -11.79 6.73
N GLU A 96 -8.44 -12.18 7.05
CA GLU A 96 -8.79 -13.61 7.10
C GLU A 96 -10.19 -13.91 6.55
N SER A 97 -10.31 -15.03 5.81
CA SER A 97 -11.55 -15.47 5.18
C SER A 97 -12.25 -16.57 6.00
N LYS A 98 -13.24 -16.18 6.82
CA LYS A 98 -14.04 -17.11 7.62
C LYS A 98 -15.31 -17.51 6.83
N VAL A 99 -15.39 -18.76 6.35
CA VAL A 99 -16.56 -19.26 5.63
C VAL A 99 -17.60 -19.74 6.67
N ILE A 100 -18.45 -18.82 7.15
CA ILE A 100 -19.50 -19.12 8.13
C ILE A 100 -20.67 -19.78 7.38
N GLU A 101 -21.17 -20.94 7.88
CA GLU A 101 -22.26 -21.67 7.25
C GLU A 101 -23.19 -22.32 8.27
N HIS A 102 -24.51 -22.25 8.02
CA HIS A 102 -25.54 -22.87 8.86
C HIS A 102 -26.94 -22.81 8.21
N THR A 103 -27.93 -23.47 8.83
CA THR A 103 -29.31 -23.52 8.36
C THR A 103 -30.18 -22.49 9.14
N ILE A 104 -31.10 -21.82 8.42
CA ILE A 104 -32.04 -20.85 9.00
C ILE A 104 -33.49 -21.33 8.78
N THR A 105 -34.27 -21.48 9.87
CA THR A 105 -35.66 -21.91 9.75
C THR A 105 -36.55 -20.70 9.53
N ILE A 106 -37.11 -20.56 8.31
CA ILE A 106 -37.98 -19.43 7.97
C ILE A 106 -39.40 -19.83 8.39
N PRO A 107 -40.06 -19.10 9.33
CA PRO A 107 -41.45 -19.46 9.69
C PRO A 107 -42.47 -19.07 8.59
N PRO A 108 -43.70 -19.65 8.62
CA PRO A 108 -44.68 -19.33 7.56
C PRO A 108 -45.10 -17.86 7.50
N THR A 109 -45.33 -17.34 6.26
CA THR A 109 -45.72 -15.95 5.99
C THR A 109 -44.76 -14.94 6.63
N SER A 110 -43.46 -15.16 6.42
CA SER A 110 -42.40 -14.33 6.99
C SER A 110 -41.17 -14.31 6.06
N LYS A 111 -40.50 -13.14 5.95
CA LYS A 111 -39.28 -13.01 5.13
C LYS A 111 -38.01 -13.02 5.98
N PHE A 112 -36.96 -13.67 5.48
CA PHE A 112 -35.64 -13.72 6.11
C PHE A 112 -34.72 -12.75 5.36
N THR A 113 -34.24 -11.69 6.03
CA THR A 113 -33.33 -10.72 5.42
C THR A 113 -31.93 -10.76 6.07
N ARG A 114 -30.97 -11.48 5.47
CA ARG A 114 -29.59 -11.48 5.96
C ARG A 114 -28.88 -10.30 5.30
N TRP A 115 -28.64 -9.22 6.06
CA TRP A 115 -27.95 -8.02 5.53
C TRP A 115 -26.45 -8.25 5.52
N GLN A 116 -25.75 -7.61 4.58
CA GLN A 116 -24.32 -7.77 4.39
C GLN A 116 -23.56 -6.45 4.60
N LEU A 117 -22.81 -6.30 5.72
CA LEU A 117 -22.00 -5.09 5.97
C LEU A 117 -20.65 -5.28 5.31
N ASN A 118 -20.19 -4.27 4.54
CA ASN A 118 -18.88 -4.31 3.90
C ASN A 118 -18.07 -3.06 4.28
N ALA A 119 -16.79 -3.01 3.85
CA ALA A 119 -15.89 -1.87 4.08
C ALA A 119 -14.89 -1.75 2.93
N ASP A 120 -14.72 -0.54 2.38
CA ASP A 120 -13.80 -0.25 1.27
C ASP A 120 -12.67 0.71 1.75
N VAL A 121 -11.64 0.13 2.41
CA VAL A 121 -10.49 0.90 2.90
C VAL A 121 -9.55 1.16 1.71
N GLY A 122 -9.84 2.20 0.93
CA GLY A 122 -9.03 2.59 -0.22
C GLY A 122 -8.77 1.52 -1.26
N GLY A 123 -9.84 0.80 -1.62
CA GLY A 123 -9.78 -0.28 -2.61
C GLY A 123 -9.95 -1.65 -2.02
N ALA A 124 -9.42 -1.86 -0.79
CA ALA A 124 -9.51 -3.14 -0.08
C ALA A 124 -10.97 -3.40 0.34
N ASP A 125 -11.66 -4.29 -0.39
CA ASP A 125 -13.07 -4.61 -0.17
C ASP A 125 -13.26 -5.72 0.89
N ILE A 126 -13.69 -5.34 2.12
CA ILE A 126 -13.90 -6.29 3.23
C ILE A 126 -15.34 -6.81 3.17
N GLU A 127 -15.54 -7.91 2.41
CA GLU A 127 -16.87 -8.50 2.26
C GLU A 127 -17.32 -9.18 3.55
N TYR A 128 -18.52 -8.82 4.02
CA TYR A 128 -19.15 -9.36 5.24
C TYR A 128 -18.33 -9.08 6.53
N TYR A 130 -19.61 -7.87 9.01
CA TYR A 130 -20.62 -8.26 9.98
C TYR A 130 -21.91 -8.70 9.25
N LEU A 131 -22.68 -9.56 9.96
CA LEU A 131 -23.98 -10.07 9.53
C LEU A 131 -24.93 -9.83 10.70
N ILE A 132 -26.06 -9.14 10.44
CA ILE A 132 -27.06 -8.86 11.48
C ILE A 132 -28.10 -9.97 11.44
N ASP A 133 -28.81 -10.10 10.31
CA ASP A 133 -29.97 -10.97 10.06
C ASP A 133 -31.23 -10.28 10.60
N GLU A 134 -32.38 -10.60 10.00
CA GLU A 134 -33.65 -10.07 10.43
C GLU A 134 -34.79 -10.90 9.87
N VAL A 135 -35.57 -11.48 10.73
CA VAL A 135 -36.76 -12.22 10.34
C VAL A 135 -37.90 -11.23 10.62
N THR A 136 -38.87 -11.12 9.69
CA THR A 136 -39.99 -10.17 9.84
C THR A 136 -41.21 -10.67 9.05
N PRO A 137 -42.45 -10.25 9.43
CA PRO A 137 -43.65 -10.73 8.74
C PRO A 137 -43.79 -10.18 7.32
N ILE A 138 -44.63 -10.82 6.47
CA ILE A 138 -44.86 -10.40 5.09
C ILE A 138 -46.34 -9.92 4.92
N GLY A 139 -46.62 -8.67 4.49
CA GLY A 139 -45.71 -7.61 4.10
C GLY A 139 -45.61 -6.54 5.16
N GLY A 140 -44.85 -6.84 6.23
CA GLY A 140 -44.66 -5.95 7.37
C GLY A 140 -43.38 -5.14 7.30
N THR A 141 -43.30 -4.11 8.16
CA THR A 141 -42.12 -3.22 8.22
C THR A 141 -40.89 -3.93 8.79
N GLN A 142 -39.69 -3.52 8.33
CA GLN A 142 -38.40 -4.04 8.81
C GLN A 142 -37.42 -2.89 9.04
N SER A 143 -36.48 -3.07 9.96
CA SER A 143 -35.50 -2.05 10.27
C SER A 143 -34.32 -2.15 9.31
N ILE A 144 -34.01 -1.05 8.58
CA ILE A 144 -32.87 -1.00 7.66
C ILE A 144 -31.65 -0.45 8.43
N PRO A 145 -30.52 -1.21 8.55
CA PRO A 145 -29.35 -0.66 9.26
C PRO A 145 -28.65 0.48 8.50
N GLN A 146 -28.06 1.44 9.24
CA GLN A 146 -27.40 2.63 8.68
C GLN A 146 -26.07 2.89 9.42
N VAL A 147 -24.94 2.94 8.67
CA VAL A 147 -23.62 3.20 9.27
C VAL A 147 -23.53 4.67 9.71
N ILE A 148 -23.26 4.91 11.01
CA ILE A 148 -23.16 6.27 11.58
C ILE A 148 -21.71 6.81 11.62
N THR A 149 -20.67 5.95 11.81
CA THR A 149 -19.25 6.38 11.85
C THR A 149 -18.28 5.27 11.40
N SER A 150 -17.90 5.27 10.11
CA SER A 150 -16.94 4.30 9.54
C SER A 150 -15.54 4.93 9.59
N ARG A 151 -14.57 4.21 10.18
CA ARG A 151 -13.20 4.70 10.39
C ARG A 151 -12.18 3.53 10.50
N ALA A 152 -10.91 3.80 10.12
CA ALA A 152 -9.83 2.81 10.17
C ALA A 152 -8.52 3.40 10.66
N LYS A 153 -7.62 2.52 11.12
CA LYS A 153 -6.29 2.91 11.58
C LYS A 153 -5.26 2.14 10.73
N ILE A 154 -4.57 2.86 9.83
CA ILE A 154 -3.61 2.26 8.89
C ILE A 154 -2.17 2.43 9.33
N ILE A 155 -1.29 1.54 8.84
CA ILE A 155 0.13 1.53 9.16
C ILE A 155 0.90 1.92 7.91
N VAL A 156 1.75 2.95 7.99
CA VAL A 156 2.51 3.46 6.86
C VAL A 156 3.95 3.76 7.22
N GLY A 157 4.81 3.74 6.21
CA GLY A 157 6.21 4.07 6.41
C GLY A 157 6.40 5.51 6.87
N ARG A 158 7.46 5.75 7.64
CA ARG A 158 7.75 7.10 8.09
C ARG A 158 8.15 7.91 6.85
N GLN A 159 7.61 9.10 6.73
CA GLN A 159 7.83 9.98 5.59
C GLN A 159 9.28 10.33 5.30
N ILE A 160 9.60 10.49 4.01
CA ILE A 160 10.92 10.89 3.55
C ILE A 160 10.77 12.37 3.20
N ILE A 161 11.48 13.26 3.90
CA ILE A 161 11.42 14.69 3.62
C ILE A 161 12.49 14.95 2.56
N LEU A 162 12.10 15.53 1.43
CA LEU A 162 12.99 15.77 0.31
C LEU A 162 14.04 16.82 0.57
N GLY A 163 15.29 16.44 0.38
CA GLY A 163 16.46 17.28 0.61
C GLY A 163 16.94 17.28 2.03
N LYS A 164 16.29 16.46 2.89
CA LYS A 164 16.55 16.41 4.31
C LYS A 164 16.83 14.97 4.79
N THR A 165 15.87 14.05 4.60
CA THR A 165 15.97 12.66 5.08
C THR A 165 17.06 11.83 4.40
N GLU A 166 17.88 11.16 5.23
CA GLU A 166 18.93 10.27 4.75
C GLU A 166 18.32 8.90 4.59
N ILE A 167 18.48 8.29 3.40
CA ILE A 167 17.92 6.97 3.14
C ILE A 167 18.96 6.02 2.58
N ARG A 168 18.58 4.76 2.52
CA ARG A 168 19.34 3.70 1.90
C ARG A 168 18.47 3.25 0.74
N ILE A 169 19.05 3.01 -0.43
CA ILE A 169 18.31 2.52 -1.60
C ILE A 169 18.74 1.06 -1.74
N LYS A 170 17.78 0.11 -1.60
CA LYS A 170 18.05 -1.34 -1.68
C LYS A 170 17.37 -1.98 -2.87
N HIS A 171 18.08 -2.81 -3.63
CA HIS A 171 17.50 -3.54 -4.78
C HIS A 171 16.60 -4.65 -4.24
N ALA A 172 15.31 -4.59 -4.57
CA ALA A 172 14.31 -5.52 -4.04
C ALA A 172 14.49 -7.01 -4.43
N GLU A 173 14.77 -7.31 -5.70
CA GLU A 173 14.94 -8.71 -6.16
C GLU A 173 16.21 -9.35 -5.56
N ARG A 174 17.33 -8.59 -5.55
CA ARG A 174 18.62 -9.07 -5.05
C ARG A 174 18.88 -8.81 -3.56
N LYS A 175 18.01 -8.06 -2.86
CA LYS A 175 18.19 -7.73 -1.43
C LYS A 175 19.64 -7.28 -1.14
N GLU A 176 20.12 -6.27 -1.87
CA GLU A 176 21.45 -5.68 -1.82
C GLU A 176 21.32 -4.16 -1.99
N TYR A 177 22.11 -3.41 -1.22
CA TYR A 177 22.09 -1.94 -1.18
C TYR A 177 22.89 -1.29 -2.28
N THR A 179 25.52 1.04 -3.51
CA THR A 179 26.75 1.55 -2.89
C THR A 179 27.54 2.35 -3.94
N VAL A 180 28.59 3.05 -3.51
CA VAL A 180 29.39 3.92 -4.37
C VAL A 180 30.83 3.46 -4.35
N VAL A 181 31.43 3.29 -5.55
CA VAL A 181 32.80 2.81 -5.74
C VAL A 181 33.48 3.63 -6.84
N SER A 182 34.81 3.61 -6.90
CA SER A 182 35.47 4.37 -7.96
C SER A 182 35.53 3.54 -9.24
N ARG A 183 35.31 4.22 -10.39
CA ARG A 183 35.35 3.63 -11.72
C ARG A 183 35.65 4.73 -12.74
N LYS A 184 36.75 4.59 -13.53
CA LYS A 184 37.19 5.58 -14.52
C LYS A 184 37.46 6.95 -13.84
N SER A 185 37.90 6.91 -12.56
CA SER A 185 38.20 8.07 -11.70
C SER A 185 36.98 8.99 -11.45
N TRP A 186 35.78 8.36 -11.42
CA TRP A 186 34.49 8.97 -11.16
C TRP A 186 33.82 8.11 -10.09
N PRO A 187 32.92 8.65 -9.24
CA PRO A 187 32.20 7.78 -8.30
C PRO A 187 31.14 7.00 -9.09
N ALA A 188 30.91 5.71 -8.78
CA ALA A 188 30.00 4.87 -9.54
C ALA A 188 29.13 4.00 -8.67
N ALA A 189 27.88 3.82 -9.09
CA ALA A 189 26.92 3.00 -8.34
C ALA A 189 27.13 1.52 -8.60
N THR A 190 27.10 0.72 -7.53
CA THR A 190 27.20 -0.74 -7.63
C THR A 190 26.49 -1.37 -6.44
N LEU A 191 25.95 -2.57 -6.60
CA LEU A 191 25.21 -3.27 -5.54
C LEU A 191 26.18 -3.89 -4.54
N GLY A 192 25.84 -3.78 -3.25
CA GLY A 192 26.65 -4.33 -2.16
C GLY A 192 25.83 -4.63 -0.93
N HIS A 193 26.43 -5.37 0.02
CA HIS A 193 25.78 -5.76 1.29
C HIS A 193 25.94 -4.74 2.43
N SER A 194 26.81 -3.71 2.26
CA SER A 194 27.04 -2.65 3.23
C SER A 194 25.81 -1.76 3.51
N LYS A 195 25.55 -1.49 4.80
CA LYS A 195 24.47 -0.60 5.26
C LYS A 195 25.00 0.84 5.50
N LEU A 196 26.28 1.09 5.18
CA LEU A 196 26.92 2.37 5.39
C LEU A 196 26.71 3.34 4.26
N PHE A 197 25.95 3.00 3.21
CA PHE A 197 25.78 3.90 2.06
C PHE A 197 24.48 4.66 2.11
N LYS A 198 24.58 5.93 2.52
CA LYS A 198 23.43 6.81 2.71
C LYS A 198 23.28 7.77 1.54
N PHE A 199 22.02 8.12 1.22
CA PHE A 199 21.68 9.04 0.14
C PHE A 199 20.63 10.03 0.61
N VAL A 200 20.47 11.13 -0.15
CA VAL A 200 19.41 12.10 0.09
C VAL A 200 18.75 12.33 -1.26
N LEU A 201 17.40 12.30 -1.26
CA LEU A 201 16.55 12.53 -2.44
C LEU A 201 16.11 14.00 -2.51
N TYR A 202 16.26 14.62 -3.67
CA TYR A 202 15.87 16.01 -3.89
C TYR A 202 14.86 16.04 -4.99
N GLU A 203 14.17 17.18 -5.15
CA GLU A 203 13.21 17.40 -6.23
C GLU A 203 13.15 18.86 -6.62
N ASP A 204 13.29 19.13 -7.92
CA ASP A 204 13.19 20.47 -8.46
C ASP A 204 12.46 20.44 -9.81
N TRP A 205 12.35 21.58 -10.47
CA TRP A 205 11.74 21.75 -11.80
C TRP A 205 11.98 20.59 -12.79
N GLY A 206 13.16 19.98 -12.77
CA GLY A 206 13.52 18.92 -13.72
C GLY A 206 13.26 17.49 -13.35
N GLY A 207 13.01 17.22 -12.07
CA GLY A 207 12.74 15.87 -11.59
C GLY A 207 13.35 15.63 -10.24
N PHE A 208 13.62 14.36 -9.93
CA PHE A 208 14.26 13.95 -8.68
C PHE A 208 15.73 13.79 -8.89
N ARG A 209 16.52 14.03 -7.83
CA ARG A 209 17.98 13.86 -7.83
C ARG A 209 18.36 12.95 -6.71
N ILE A 210 19.34 12.05 -6.96
CA ILE A 210 19.82 11.06 -6.00
C ILE A 210 21.21 11.49 -5.62
N LYS A 211 21.35 12.09 -4.42
CA LYS A 211 22.62 12.58 -3.94
C LYS A 211 23.25 11.58 -3.00
N THR A 212 24.56 11.35 -3.16
CA THR A 212 25.32 10.43 -2.32
C THR A 212 26.02 11.19 -1.22
N LEU A 213 26.08 10.57 -0.04
CA LEU A 213 26.75 11.11 1.12
C LEU A 213 28.02 10.31 1.32
N ASN A 214 28.38 9.41 0.36
CA ASN A 214 29.55 8.55 0.45
C ASN A 214 30.48 8.70 -0.76
N THR A 215 30.65 9.92 -1.31
CA THR A 215 31.57 10.08 -2.45
C THR A 215 33.00 10.23 -1.94
N TYR A 217 35.26 11.58 -4.42
CA TYR A 217 35.63 12.75 -5.21
C TYR A 217 34.64 13.83 -4.78
N SER A 218 35.12 14.82 -4.00
CA SER A 218 34.28 15.87 -3.44
C SER A 218 33.56 16.71 -4.47
N GLY A 219 32.27 16.87 -4.23
CA GLY A 219 31.39 17.63 -5.11
C GLY A 219 30.67 16.76 -6.13
N TYR A 220 31.25 15.60 -6.49
CA TYR A 220 30.68 14.68 -7.47
C TYR A 220 29.75 13.80 -6.69
N GLU A 221 28.47 14.22 -6.62
CA GLU A 221 27.49 13.55 -5.76
C GLU A 221 26.09 13.27 -6.32
N TYR A 222 25.72 13.72 -7.54
CA TYR A 222 24.39 13.44 -8.07
C TYR A 222 24.40 12.33 -9.12
N ALA A 223 23.54 11.30 -8.93
CA ALA A 223 23.52 10.11 -9.81
C ALA A 223 23.04 10.43 -11.20
N TYR A 224 23.77 9.95 -12.21
CA TYR A 224 23.40 10.21 -13.60
C TYR A 224 23.80 9.04 -14.50
N SER A 225 23.16 8.96 -15.68
CA SER A 225 23.42 7.90 -16.64
C SER A 225 24.35 8.34 -17.73
N SER A 226 25.34 7.50 -18.03
CA SER A 226 26.27 7.72 -19.13
C SER A 226 25.59 7.26 -20.41
N ASP A 227 26.15 7.63 -21.58
CA ASP A 227 25.63 7.19 -22.87
C ASP A 227 25.62 5.64 -22.92
N GLN A 228 26.66 5.02 -22.36
CA GLN A 228 26.80 3.58 -22.21
C GLN A 228 25.85 2.92 -21.15
N GLY A 229 25.19 3.73 -20.32
CA GLY A 229 24.21 3.25 -19.35
C GLY A 229 24.66 3.12 -17.91
N GLY A 230 25.96 3.08 -17.69
CA GLY A 230 26.48 2.95 -16.34
C GLY A 230 26.13 4.18 -15.52
N ILE A 231 25.89 3.98 -14.23
CA ILE A 231 25.47 5.04 -13.33
C ILE A 231 26.66 5.59 -12.57
N TYR A 232 26.94 6.88 -12.78
CA TYR A 232 28.02 7.61 -12.14
C TYR A 232 27.41 8.78 -11.39
N PHE A 233 28.23 9.49 -10.60
CA PHE A 233 27.79 10.63 -9.81
C PHE A 233 28.53 11.89 -10.23
N ASP A 234 27.77 12.94 -10.62
CA ASP A 234 28.33 14.20 -11.09
C ASP A 234 28.07 15.34 -10.13
N GLN A 235 28.62 16.50 -10.46
CA GLN A 235 28.39 17.75 -9.73
C GLN A 235 27.02 18.22 -10.10
N GLY A 236 26.43 19.03 -9.23
CA GLY A 236 25.08 19.56 -9.41
C GLY A 236 24.97 20.49 -10.61
N THR A 237 24.12 20.14 -11.58
CA THR A 237 23.92 20.95 -12.78
C THR A 237 22.43 20.91 -13.20
N ASP A 238 22.09 21.60 -14.29
CA ASP A 238 20.72 21.61 -14.81
C ASP A 238 20.47 20.42 -15.71
N ASN A 239 21.50 19.63 -16.07
CA ASN A 239 21.43 18.48 -16.98
C ASN A 239 20.35 17.44 -16.65
N PRO A 240 19.46 17.09 -17.61
CA PRO A 240 18.45 16.03 -17.32
C PRO A 240 19.04 14.68 -17.01
N LYS A 241 20.22 14.38 -17.55
CA LYS A 241 20.90 13.10 -17.31
C LYS A 241 21.00 12.76 -15.80
N GLN A 242 21.13 13.76 -14.91
CA GLN A 242 21.14 13.51 -13.45
C GLN A 242 19.76 13.71 -12.81
N ARG A 243 18.67 13.64 -13.62
CA ARG A 243 17.34 13.80 -13.09
C ARG A 243 16.52 12.59 -13.40
N TRP A 244 15.62 12.28 -12.45
CA TRP A 244 14.90 11.03 -12.38
C TRP A 244 13.42 11.20 -12.18
N ALA A 245 12.67 10.14 -12.48
CA ALA A 245 11.23 10.12 -12.32
C ALA A 245 10.86 8.93 -11.45
N ILE A 246 10.04 9.16 -10.44
CA ILE A 246 9.61 8.13 -9.52
C ILE A 246 8.15 7.82 -9.84
N ASN A 247 7.81 6.52 -9.99
CA ASN A 247 6.47 6.06 -10.36
C ASN A 247 5.43 6.03 -9.23
N LYS A 248 5.61 6.89 -8.23
CA LYS A 248 4.83 6.87 -7.02
C LYS A 248 4.52 8.29 -6.61
N SER A 249 3.31 8.50 -6.11
CA SER A 249 2.88 9.83 -5.68
C SER A 249 3.58 10.18 -4.40
N LEU A 250 3.86 11.47 -4.20
CA LEU A 250 4.46 11.95 -2.95
C LEU A 250 3.35 11.90 -1.87
N PRO A 251 3.71 11.84 -0.59
CA PRO A 251 5.06 11.81 -0.03
C PRO A 251 5.70 10.43 -0.17
N LEU A 252 7.03 10.41 -0.32
CA LEU A 252 7.74 9.13 -0.36
C LEU A 252 7.81 8.69 1.11
N ARG A 253 7.92 7.39 1.34
CA ARG A 253 7.85 6.83 2.68
C ARG A 253 8.72 5.63 2.84
N HIS A 254 9.08 5.33 4.08
CA HIS A 254 9.90 4.19 4.41
C HIS A 254 9.32 2.92 3.81
N GLY A 255 10.18 2.11 3.21
CA GLY A 255 9.77 0.84 2.63
C GLY A 255 9.11 0.93 1.28
N ASP A 256 8.91 2.16 0.73
CA ASP A 256 8.31 2.34 -0.60
C ASP A 256 9.11 1.62 -1.64
N VAL A 257 8.41 0.90 -2.52
CA VAL A 257 9.02 0.21 -3.66
C VAL A 257 8.81 1.12 -4.86
N VAL A 258 9.91 1.59 -5.46
CA VAL A 258 9.86 2.54 -6.58
C VAL A 258 10.77 2.15 -7.71
N THR A 259 10.61 2.85 -8.82
CA THR A 259 11.44 2.73 -10.01
C THR A 259 11.96 4.13 -10.28
N PHE A 260 13.12 4.22 -10.93
CA PHE A 260 13.76 5.49 -11.23
C PHE A 260 14.00 5.57 -12.72
N ASN A 262 15.14 7.64 -16.08
CA ASN A 262 15.99 8.78 -16.40
C ASN A 262 15.22 9.84 -17.17
N LYS A 263 15.54 11.10 -16.94
CA LYS A 263 14.85 12.19 -17.61
C LYS A 263 15.46 12.50 -18.96
N TYR A 264 16.74 12.19 -19.21
CA TYR A 264 17.35 12.38 -20.53
C TYR A 264 17.04 11.17 -21.44
N PHE A 265 17.36 9.96 -21.00
CA PHE A 265 17.05 8.71 -21.69
C PHE A 265 15.68 8.34 -21.12
N THR A 266 14.65 8.90 -21.69
CA THR A 266 13.30 8.83 -21.10
C THR A 266 12.64 7.47 -20.86
N ARG A 267 13.08 6.40 -21.54
CA ARG A 267 12.51 5.05 -21.42
C ARG A 267 13.48 4.13 -20.70
N SER A 268 14.60 4.67 -20.17
CA SER A 268 15.64 3.90 -19.51
C SER A 268 15.52 4.02 -18.02
N GLY A 269 15.32 2.88 -17.38
CA GLY A 269 15.16 2.77 -15.94
C GLY A 269 16.39 2.24 -15.27
N LEU A 270 16.52 2.53 -13.99
CA LEU A 270 17.64 2.13 -13.15
C LEU A 270 17.50 0.67 -12.75
N CYS A 271 18.52 -0.17 -13.01
CA CYS A 271 18.42 -1.61 -12.69
C CYS A 271 19.73 -2.34 -12.48
N TYR A 272 19.62 -3.64 -12.12
CA TYR A 272 20.76 -4.52 -11.99
C TYR A 272 21.14 -4.97 -13.39
N ASP A 273 22.43 -4.97 -13.70
CA ASP A 273 22.91 -5.55 -14.96
C ASP A 273 24.37 -5.88 -14.79
N ASP A 274 24.76 -7.09 -15.17
CA ASP A 274 26.14 -7.54 -15.00
C ASP A 274 27.09 -6.78 -15.93
N GLY A 275 27.66 -5.69 -15.41
CA GLY A 275 28.66 -4.89 -16.12
C GLY A 275 30.02 -5.51 -15.90
N PRO A 276 31.06 -5.03 -16.61
CA PRO A 276 32.41 -5.62 -16.41
C PRO A 276 32.98 -5.35 -15.03
N ALA A 277 32.61 -4.20 -14.42
CA ALA A 277 33.11 -3.78 -13.12
C ALA A 277 31.99 -3.63 -12.10
N THR A 278 31.09 -2.69 -12.35
CA THR A 278 29.97 -2.39 -11.48
C THR A 278 28.72 -3.01 -12.09
N ASN A 279 27.58 -2.93 -11.39
CA ASN A 279 26.35 -3.54 -11.89
C ASN A 279 25.07 -2.74 -11.66
N VAL A 280 25.13 -1.41 -11.79
CA VAL A 280 23.95 -0.54 -11.69
C VAL A 280 23.90 0.24 -12.97
N TYR A 281 22.87 -0.03 -13.79
CA TYR A 281 22.72 0.55 -15.12
C TYR A 281 21.37 1.17 -15.37
N CYS A 282 21.32 2.04 -16.37
CA CYS A 282 20.12 2.64 -16.94
C CYS A 282 19.92 1.86 -18.21
N LEU A 283 18.84 1.07 -18.31
CA LEU A 283 18.57 0.24 -19.49
C LEU A 283 17.22 0.55 -20.08
N ASP A 284 17.14 0.57 -21.41
CA ASP A 284 15.94 0.97 -22.13
C ASP A 284 14.84 -0.04 -21.93
N LYS A 285 13.60 0.47 -21.83
CA LYS A 285 12.35 -0.27 -21.69
C LYS A 285 12.30 -1.31 -20.56
N ARG A 286 13.18 -1.16 -19.56
CA ARG A 286 13.19 -2.04 -18.39
C ARG A 286 13.46 -1.18 -17.11
N GLU A 287 12.75 -1.48 -16.01
CA GLU A 287 12.83 -0.70 -14.79
C GLU A 287 12.65 -1.58 -13.53
N ASP A 288 13.74 -1.72 -12.77
CA ASP A 288 13.76 -2.57 -11.58
C ASP A 288 13.19 -1.89 -10.38
N LYS A 289 12.66 -2.70 -9.44
CA LYS A 289 12.07 -2.23 -8.18
C LYS A 289 13.16 -2.06 -7.11
N TRP A 290 13.19 -0.88 -6.47
CA TRP A 290 14.13 -0.51 -5.40
C TRP A 290 13.33 -0.15 -4.18
N ILE A 291 13.82 -0.51 -2.98
CA ILE A 291 13.19 -0.15 -1.71
C ILE A 291 13.91 1.08 -1.12
N LEU A 292 13.12 2.06 -0.63
CA LEU A 292 13.63 3.27 0.04
C LEU A 292 13.58 3.01 1.55
N GLU A 293 14.75 2.93 2.20
CA GLU A 293 14.85 2.67 3.63
C GLU A 293 15.35 3.89 4.42
N VAL A 294 14.53 4.46 5.33
CA VAL A 294 14.93 5.60 6.18
C VAL A 294 15.95 5.08 7.17
N VAL A 295 17.11 5.75 7.26
CA VAL A 295 18.20 5.30 8.12
C VAL A 295 17.89 5.41 9.62
N GLY A 296 18.40 4.46 10.38
CA GLY A 296 18.25 4.42 11.81
C GLY A 296 19.21 5.40 12.44
N LEU A 297 19.68 5.09 13.62
CA LEU A 297 20.58 5.96 14.33
C LEU A 297 21.91 5.24 14.54
N VAL A 298 23.02 5.94 14.27
CA VAL A 298 24.40 5.44 14.49
C VAL A 298 24.77 5.56 16.02
N PRO A 299 25.56 4.63 16.60
CA PRO A 299 25.90 4.73 18.03
C PRO A 299 27.11 5.61 18.37
N ARG A 300 26.97 6.43 19.44
CA ARG A 300 27.98 7.30 20.07
C ARG A 300 27.32 8.18 21.14
#